data_6GB9
#
_entry.id   6GB9
#
_cell.length_a   66.020
_cell.length_b   123.800
_cell.length_c   132.810
_cell.angle_alpha   90.00
_cell.angle_beta   90.00
_cell.angle_gamma   90.00
#
_symmetry.space_group_name_H-M   'I 2 2 2'
#
loop_
_entity.id
_entity.type
_entity.pdbx_description
1 polymer 'Molybdopterin biosynthesis protein CNX1'
2 non-polymer 'ADENOSINE MONOPHOSPHATE'
3 non-polymer 'MAGNESIUM ION'
4 non-polymer 1,2-ETHANEDIOL
5 non-polymer 'CHLORIDE ION'
6 non-polymer 'ACETATE ION'
7 water water
#
_entity_poly.entity_id   1
_entity_poly.type   'polypeptide(L)'
_entity_poly.pdbx_seq_one_letter_code
;MEGQGCCGGGGGKTEMIPTEEALRIVFGVSKRLPPVIVSLYEALGKVLAEDIRAPDPLPPYPASVKDGYAVVASDGPGEY
PVITESRAGNDGLGVTVTPGTVAYVTTGGPIPDGADAVVQVEDTKVIGDVSTESKRVKILIQTKKGTDIRRVG(CSX)DI
EKDATVLTTGERIGASEIGLLATAGVTMVKVYPMPIVAILSTGDELVEPTAGTLGRGQIRDSNRAMLVAAVMQQQCKVVD
LGIVRDDRKELEKVLDEAVSSGVDIILTSGGVSMGDRDFVKPLLEEKGKVYFSKVLMKPGKPLTFAEIRAKPTESMLGKT
VLAFGLPGNPVACLVCFNIFVVPTIRQLAGWTSPHPLRVRLRLQEPIKSDPIRPEFHRAIIKWKDNDGSGTPGFVAESTG
HQMSSRLLSMRSANALLELPATGNVLSAGSSVSAIIVSDISAFSIDKKASLSEPRSWSHPQFEK
;
_entity_poly.pdbx_strand_id   A
#
loop_
_chem_comp.id
_chem_comp.type
_chem_comp.name
_chem_comp.formula
ACT non-polymer 'ACETATE ION' 'C2 H3 O2 -1'
AMP non-polymer 'ADENOSINE MONOPHOSPHATE' 'C10 H14 N5 O7 P'
CL non-polymer 'CHLORIDE ION' 'Cl -1'
EDO non-polymer 1,2-ETHANEDIOL 'C2 H6 O2'
MG non-polymer 'MAGNESIUM ION' 'Mg 2'
#
# COMPACT_ATOMS: atom_id res chain seq x y z
N MET A 16 11.64 30.49 5.42
CA MET A 16 10.39 29.74 5.31
C MET A 16 10.09 29.43 3.83
N ILE A 17 9.87 28.14 3.48
CA ILE A 17 9.62 27.71 2.08
C ILE A 17 8.22 27.12 1.91
N PRO A 18 7.65 27.14 0.68
CA PRO A 18 6.33 26.53 0.49
C PRO A 18 6.40 24.99 0.59
N THR A 19 5.27 24.33 0.95
CA THR A 19 5.23 22.87 1.11
C THR A 19 5.70 22.14 -0.15
N GLU A 20 5.35 22.65 -1.35
CA GLU A 20 5.72 22.03 -2.63
C GLU A 20 7.24 21.98 -2.77
N GLU A 21 7.95 23.07 -2.38
CA GLU A 21 9.42 23.08 -2.43
C GLU A 21 10.01 22.13 -1.38
N ALA A 22 9.43 22.10 -0.17
CA ALA A 22 9.89 21.19 0.90
C ALA A 22 9.78 19.72 0.46
N LEU A 23 8.66 19.34 -0.20
CA LEU A 23 8.47 17.98 -0.73
C LEU A 23 9.55 17.66 -1.75
N ARG A 24 9.75 18.58 -2.71
CA ARG A 24 10.76 18.43 -3.77
C ARG A 24 12.16 18.18 -3.17
N ILE A 25 12.53 18.94 -2.14
CA ILE A 25 13.84 18.78 -1.48
C ILE A 25 13.93 17.37 -0.86
N VAL A 26 12.88 16.95 -0.16
CA VAL A 26 12.83 15.63 0.48
C VAL A 26 12.95 14.52 -0.57
N PHE A 27 12.18 14.62 -1.68
N PHE A 27 12.18 14.61 -1.68
CA PHE A 27 12.22 13.66 -2.77
CA PHE A 27 12.28 13.60 -2.75
C PHE A 27 13.64 13.58 -3.39
C PHE A 27 13.68 13.56 -3.35
N GLY A 28 14.27 14.74 -3.59
CA GLY A 28 15.62 14.84 -4.17
C GLY A 28 16.72 14.24 -3.30
N VAL A 29 16.54 14.29 -1.98
CA VAL A 29 17.49 13.74 -1.03
C VAL A 29 17.25 12.25 -0.77
N SER A 30 15.97 11.81 -0.71
CA SER A 30 15.58 10.44 -0.39
C SER A 30 15.94 9.41 -1.45
N LYS A 31 16.69 8.35 -1.05
CA LYS A 31 17.14 7.31 -1.98
C LYS A 31 16.55 5.96 -1.66
N ARG A 32 16.13 5.24 -2.69
CA ARG A 32 15.62 3.88 -2.56
C ARG A 32 16.65 3.01 -1.82
N LEU A 33 16.19 2.16 -0.89
CA LEU A 33 17.08 1.28 -0.12
C LEU A 33 17.64 0.13 -0.97
N PRO A 34 18.80 -0.46 -0.58
CA PRO A 34 19.32 -1.61 -1.36
C PRO A 34 18.34 -2.79 -1.29
N PRO A 35 18.11 -3.50 -2.42
CA PRO A 35 17.18 -4.64 -2.39
C PRO A 35 17.68 -5.83 -1.54
N VAL A 36 16.74 -6.64 -1.06
CA VAL A 36 17.02 -7.83 -0.25
C VAL A 36 16.22 -8.98 -0.80
N ILE A 37 16.51 -10.20 -0.31
CA ILE A 37 15.84 -11.43 -0.72
C ILE A 37 14.99 -11.87 0.46
N VAL A 38 13.68 -12.04 0.24
CA VAL A 38 12.73 -12.41 1.30
C VAL A 38 11.91 -13.62 0.87
N SER A 39 11.19 -14.20 1.83
CA SER A 39 10.31 -15.34 1.54
C SER A 39 9.01 -14.87 0.91
N LEU A 40 8.23 -15.80 0.34
CA LEU A 40 6.98 -15.48 -0.31
C LEU A 40 6.07 -14.57 0.53
N TYR A 41 5.80 -14.94 1.78
CA TYR A 41 4.89 -14.13 2.60
C TYR A 41 5.52 -12.85 3.13
N GLU A 42 6.84 -12.80 3.22
CA GLU A 42 7.51 -11.56 3.57
C GLU A 42 7.46 -10.56 2.41
N ALA A 43 7.29 -11.06 1.16
CA ALA A 43 7.23 -10.19 -0.04
C ALA A 43 5.91 -9.39 -0.12
N LEU A 44 4.82 -9.82 0.55
CA LEU A 44 3.55 -9.09 0.52
C LEU A 44 3.72 -7.64 1.01
N GLY A 45 3.17 -6.69 0.24
CA GLY A 45 3.26 -5.26 0.57
C GLY A 45 4.49 -4.60 -0.01
N LYS A 46 5.54 -5.38 -0.34
CA LYS A 46 6.80 -4.85 -0.88
C LYS A 46 6.81 -4.68 -2.38
N VAL A 47 7.71 -3.81 -2.85
CA VAL A 47 7.87 -3.57 -4.27
C VAL A 47 8.91 -4.54 -4.82
N LEU A 48 8.59 -5.18 -5.94
CA LEU A 48 9.51 -6.08 -6.61
C LEU A 48 10.78 -5.37 -7.07
N ALA A 49 11.95 -6.01 -6.88
CA ALA A 49 13.26 -5.52 -7.33
C ALA A 49 13.82 -6.38 -8.49
N GLU A 50 12.98 -7.27 -9.08
CA GLU A 50 13.38 -8.08 -10.23
C GLU A 50 12.13 -8.47 -11.03
N ASP A 51 12.31 -8.84 -12.31
CA ASP A 51 11.20 -9.33 -13.13
C ASP A 51 10.99 -10.79 -12.77
N ILE A 52 9.76 -11.30 -12.93
CA ILE A 52 9.46 -12.69 -12.66
C ILE A 52 8.94 -13.29 -13.95
N ARG A 53 9.60 -14.35 -14.44
CA ARG A 53 9.18 -15.04 -15.66
C ARG A 53 8.64 -16.41 -15.30
N ALA A 54 7.60 -16.84 -16.01
CA ALA A 54 7.01 -18.17 -15.80
C ALA A 54 7.98 -19.28 -16.29
N PRO A 55 8.43 -20.23 -15.41
CA PRO A 55 9.33 -21.32 -15.89
C PRO A 55 8.62 -22.37 -16.74
N ASP A 56 7.28 -22.44 -16.69
CA ASP A 56 6.51 -23.39 -17.50
C ASP A 56 5.17 -22.74 -17.87
N PRO A 57 4.43 -23.27 -18.85
CA PRO A 57 3.17 -22.63 -19.22
C PRO A 57 2.05 -22.92 -18.22
N LEU A 58 1.01 -22.09 -18.23
CA LEU A 58 -0.21 -22.34 -17.48
C LEU A 58 -1.38 -22.35 -18.48
N PRO A 59 -2.14 -23.46 -18.59
CA PRO A 59 -1.87 -24.76 -17.98
C PRO A 59 -0.65 -25.39 -18.70
N PRO A 60 0.15 -26.26 -18.04
CA PRO A 60 1.29 -26.90 -18.74
C PRO A 60 0.83 -28.08 -19.62
N TYR A 61 -0.45 -28.47 -19.55
CA TYR A 61 -1.04 -29.54 -20.35
C TYR A 61 -2.39 -29.02 -20.88
N PRO A 62 -2.92 -29.53 -22.00
CA PRO A 62 -4.26 -29.09 -22.47
C PRO A 62 -5.26 -29.49 -21.39
N ALA A 63 -5.99 -28.51 -20.82
CA ALA A 63 -6.86 -28.75 -19.68
C ALA A 63 -8.31 -28.49 -19.98
N SER A 64 -9.19 -29.31 -19.41
CA SER A 64 -10.62 -29.13 -19.60
C SER A 64 -11.12 -27.92 -18.82
N VAL A 65 -12.03 -27.15 -19.43
CA VAL A 65 -12.67 -26.00 -18.75
C VAL A 65 -13.86 -26.56 -17.96
N LYS A 66 -14.36 -27.75 -18.32
CA LYS A 66 -15.58 -28.29 -17.73
C LYS A 66 -15.50 -29.70 -17.19
N ASP A 67 -16.53 -30.04 -16.40
CA ASP A 67 -16.74 -31.41 -15.97
C ASP A 67 -17.64 -31.97 -17.08
N GLY A 68 -17.18 -33.02 -17.75
CA GLY A 68 -17.95 -33.59 -18.84
C GLY A 68 -17.16 -34.63 -19.60
N TYR A 69 -17.19 -34.56 -20.94
CA TYR A 69 -16.53 -35.55 -21.76
C TYR A 69 -15.67 -34.93 -22.81
N ALA A 70 -14.45 -35.48 -22.97
CA ALA A 70 -13.51 -35.07 -24.00
C ALA A 70 -13.94 -35.87 -25.25
N VAL A 71 -14.17 -35.17 -26.36
CA VAL A 71 -14.66 -35.78 -27.60
C VAL A 71 -13.82 -35.41 -28.83
N VAL A 72 -14.12 -36.08 -29.94
CA VAL A 72 -13.64 -35.74 -31.27
C VAL A 72 -14.85 -34.95 -31.79
N ALA A 73 -14.74 -33.61 -31.90
CA ALA A 73 -15.84 -32.69 -32.31
C ALA A 73 -16.59 -33.11 -33.58
N SER A 74 -15.87 -33.63 -34.59
CA SER A 74 -16.48 -34.09 -35.85
C SER A 74 -17.43 -35.29 -35.68
N ASP A 75 -17.40 -36.02 -34.53
CA ASP A 75 -18.30 -37.15 -34.31
C ASP A 75 -19.77 -36.69 -34.20
N GLY A 76 -20.00 -35.58 -33.50
CA GLY A 76 -21.34 -35.02 -33.34
C GLY A 76 -22.21 -35.79 -32.36
N PRO A 77 -23.50 -35.42 -32.24
CA PRO A 77 -24.39 -36.15 -31.31
C PRO A 77 -24.49 -37.65 -31.60
N GLY A 78 -24.58 -38.43 -30.54
CA GLY A 78 -24.66 -39.88 -30.61
C GLY A 78 -24.29 -40.56 -29.31
N GLU A 79 -24.29 -41.91 -29.33
CA GLU A 79 -23.97 -42.73 -28.16
C GLU A 79 -22.57 -43.27 -28.35
N TYR A 80 -21.71 -43.16 -27.31
CA TYR A 80 -20.31 -43.58 -27.39
C TYR A 80 -19.81 -44.24 -26.11
N PRO A 81 -18.85 -45.19 -26.22
CA PRO A 81 -18.24 -45.76 -25.01
C PRO A 81 -17.25 -44.79 -24.37
N VAL A 82 -17.17 -44.80 -23.02
CA VAL A 82 -16.24 -43.97 -22.26
C VAL A 82 -14.98 -44.81 -22.11
N ILE A 83 -13.87 -44.44 -22.80
CA ILE A 83 -12.65 -45.27 -22.79
C ILE A 83 -11.66 -44.92 -21.67
N THR A 84 -11.78 -43.75 -21.01
CA THR A 84 -10.92 -43.44 -19.87
C THR A 84 -11.56 -42.32 -19.06
N GLU A 85 -10.96 -42.00 -17.91
CA GLU A 85 -11.41 -40.94 -17.02
C GLU A 85 -10.20 -40.09 -16.72
N SER A 86 -10.30 -38.76 -16.87
CA SER A 86 -9.15 -37.88 -16.69
C SER A 86 -9.44 -36.69 -15.81
N ARG A 87 -8.86 -36.71 -14.59
CA ARG A 87 -8.98 -35.65 -13.58
C ARG A 87 -7.67 -34.97 -13.21
N ALA A 88 -6.56 -35.73 -13.18
CA ALA A 88 -5.26 -35.16 -12.78
C ALA A 88 -4.11 -36.11 -13.17
N GLY A 89 -2.89 -35.59 -13.03
CA GLY A 89 -1.64 -36.33 -13.21
C GLY A 89 -1.55 -37.19 -14.44
N ASN A 90 -1.36 -38.50 -14.22
CA ASN A 90 -1.22 -39.49 -15.29
C ASN A 90 -2.53 -40.14 -15.73
N ASP A 91 -3.69 -39.58 -15.37
CA ASP A 91 -4.96 -40.19 -15.80
C ASP A 91 -5.04 -40.13 -17.33
N GLY A 92 -5.34 -41.28 -17.95
CA GLY A 92 -5.46 -41.36 -19.40
C GLY A 92 -4.15 -41.32 -20.16
N LEU A 93 -2.99 -41.44 -19.47
CA LEU A 93 -1.67 -41.48 -20.15
C LEU A 93 -1.66 -42.73 -21.03
N GLY A 94 -1.22 -42.57 -22.27
CA GLY A 94 -1.15 -43.69 -23.23
C GLY A 94 -2.48 -44.05 -23.87
N VAL A 95 -3.62 -43.39 -23.48
CA VAL A 95 -4.93 -43.67 -24.05
C VAL A 95 -5.20 -42.65 -25.16
N THR A 96 -5.62 -43.11 -26.33
CA THR A 96 -5.95 -42.21 -27.43
C THR A 96 -7.45 -42.23 -27.64
N VAL A 97 -8.11 -41.07 -27.54
CA VAL A 97 -9.53 -40.95 -27.86
C VAL A 97 -9.63 -40.91 -29.40
N THR A 98 -10.14 -41.98 -30.03
CA THR A 98 -10.30 -42.06 -31.49
C THR A 98 -11.72 -41.68 -31.89
N PRO A 99 -11.99 -41.38 -33.19
CA PRO A 99 -13.38 -41.11 -33.59
C PRO A 99 -14.28 -42.29 -33.24
N GLY A 100 -15.37 -42.01 -32.54
CA GLY A 100 -16.31 -43.01 -32.07
C GLY A 100 -16.18 -43.34 -30.59
N THR A 101 -15.29 -42.61 -29.85
CA THR A 101 -15.08 -42.84 -28.43
C THR A 101 -15.05 -41.51 -27.69
N VAL A 102 -15.16 -41.55 -26.37
CA VAL A 102 -15.07 -40.35 -25.50
C VAL A 102 -14.34 -40.70 -24.21
N ALA A 103 -13.96 -39.67 -23.44
CA ALA A 103 -13.30 -39.86 -22.16
C ALA A 103 -13.96 -38.95 -21.15
N TYR A 104 -14.20 -39.44 -19.93
CA TYR A 104 -14.72 -38.53 -18.89
C TYR A 104 -13.60 -37.55 -18.46
N VAL A 105 -13.93 -36.25 -18.25
CA VAL A 105 -12.98 -35.24 -17.77
C VAL A 105 -13.62 -34.40 -16.67
N THR A 106 -12.80 -33.92 -15.73
CA THR A 106 -13.25 -32.95 -14.73
C THR A 106 -12.57 -31.65 -15.07
N THR A 107 -13.05 -30.52 -14.53
CA THR A 107 -12.43 -29.22 -14.79
C THR A 107 -10.99 -29.27 -14.27
N GLY A 108 -10.05 -28.88 -15.14
CA GLY A 108 -8.63 -28.92 -14.84
C GLY A 108 -7.99 -30.26 -15.19
N GLY A 109 -8.78 -31.22 -15.66
CA GLY A 109 -8.26 -32.52 -16.03
C GLY A 109 -7.52 -32.47 -17.36
N PRO A 110 -6.41 -33.23 -17.49
CA PRO A 110 -5.70 -33.25 -18.79
C PRO A 110 -6.51 -33.88 -19.94
N ILE A 111 -6.54 -33.21 -21.11
CA ILE A 111 -7.30 -33.74 -22.24
C ILE A 111 -6.51 -34.94 -22.79
N PRO A 112 -7.11 -36.16 -22.90
CA PRO A 112 -6.35 -37.27 -23.47
C PRO A 112 -6.02 -37.02 -24.95
N ASP A 113 -4.92 -37.62 -25.43
CA ASP A 113 -4.53 -37.52 -26.85
C ASP A 113 -5.71 -37.92 -27.76
N GLY A 114 -5.87 -37.22 -28.89
CA GLY A 114 -6.93 -37.52 -29.84
C GLY A 114 -8.21 -36.71 -29.66
N ALA A 115 -8.60 -36.36 -28.40
CA ALA A 115 -9.80 -35.56 -28.17
C ALA A 115 -9.46 -34.11 -28.51
N ASP A 116 -10.39 -33.40 -29.14
CA ASP A 116 -10.15 -32.03 -29.56
C ASP A 116 -11.20 -31.04 -29.06
N ALA A 117 -12.15 -31.49 -28.23
CA ALA A 117 -13.16 -30.60 -27.64
C ALA A 117 -13.73 -31.24 -26.39
N VAL A 118 -14.44 -30.48 -25.57
CA VAL A 118 -15.07 -30.96 -24.36
C VAL A 118 -16.55 -30.59 -24.44
N VAL A 119 -17.43 -31.53 -24.07
CA VAL A 119 -18.84 -31.28 -23.97
C VAL A 119 -19.16 -31.34 -22.48
N GLN A 120 -19.64 -30.23 -21.89
CA GLN A 120 -20.00 -30.17 -20.48
C GLN A 120 -21.03 -31.25 -20.13
N VAL A 121 -20.96 -31.79 -18.90
CA VAL A 121 -21.85 -32.88 -18.45
C VAL A 121 -23.36 -32.57 -18.65
N GLU A 122 -23.78 -31.29 -18.53
CA GLU A 122 -25.19 -30.93 -18.71
C GLU A 122 -25.70 -31.21 -20.14
N ASP A 123 -24.80 -31.28 -21.13
CA ASP A 123 -25.15 -31.61 -22.52
C ASP A 123 -24.89 -33.10 -22.82
N THR A 124 -24.96 -33.98 -21.80
CA THR A 124 -24.77 -35.42 -21.96
C THR A 124 -25.74 -36.19 -21.06
N LYS A 125 -25.82 -37.49 -21.26
CA LYS A 125 -26.68 -38.38 -20.49
C LYS A 125 -26.02 -39.73 -20.42
N VAL A 126 -25.91 -40.34 -19.21
CA VAL A 126 -25.33 -41.68 -19.09
C VAL A 126 -26.37 -42.71 -19.54
N ILE A 127 -25.94 -43.67 -20.37
CA ILE A 127 -26.77 -44.75 -20.92
C ILE A 127 -26.30 -46.11 -20.39
N GLY A 128 -27.26 -46.99 -20.08
CA GLY A 128 -26.98 -48.35 -19.60
C GLY A 128 -26.87 -48.49 -18.10
N ASP A 129 -26.70 -49.76 -17.65
CA ASP A 129 -26.60 -50.16 -16.24
C ASP A 129 -25.11 -50.39 -15.84
N VAL A 130 -24.73 -51.54 -15.21
CA VAL A 130 -23.35 -51.86 -14.82
C VAL A 130 -22.80 -50.83 -13.83
N SER A 134 -18.40 -51.58 -18.06
CA SER A 134 -18.40 -50.90 -19.35
C SER A 134 -19.38 -49.72 -19.33
N LYS A 135 -18.88 -48.48 -19.49
CA LYS A 135 -19.68 -47.25 -19.45
C LYS A 135 -19.95 -46.66 -20.84
N ARG A 136 -21.15 -46.09 -21.03
CA ARG A 136 -21.58 -45.49 -22.30
C ARG A 136 -22.30 -44.16 -22.05
N VAL A 137 -22.07 -43.16 -22.92
CA VAL A 137 -22.67 -41.84 -22.73
C VAL A 137 -23.24 -41.31 -24.03
N LYS A 138 -24.33 -40.55 -23.92
CA LYS A 138 -24.97 -39.92 -25.07
C LYS A 138 -24.56 -38.45 -25.08
N ILE A 139 -23.88 -38.01 -26.15
CA ILE A 139 -23.52 -36.62 -26.36
C ILE A 139 -24.77 -35.99 -27.02
N LEU A 140 -25.34 -34.93 -26.41
CA LEU A 140 -26.60 -34.33 -26.89
C LEU A 140 -26.43 -33.14 -27.85
N ILE A 141 -25.20 -32.69 -28.12
CA ILE A 141 -24.97 -31.52 -28.99
C ILE A 141 -23.87 -31.74 -30.01
N GLN A 142 -23.81 -30.81 -30.97
CA GLN A 142 -22.76 -30.75 -31.96
C GLN A 142 -21.84 -29.65 -31.44
N THR A 143 -20.61 -30.02 -31.07
CA THR A 143 -19.62 -29.06 -30.55
C THR A 143 -18.64 -28.70 -31.65
N LYS A 144 -17.81 -27.68 -31.39
CA LYS A 144 -16.79 -27.20 -32.33
C LYS A 144 -15.40 -27.52 -31.75
N LYS A 145 -14.43 -27.87 -32.62
CA LYS A 145 -13.05 -28.14 -32.21
C LYS A 145 -12.52 -27.01 -31.30
N GLY A 146 -11.87 -27.38 -30.19
CA GLY A 146 -11.29 -26.45 -29.22
C GLY A 146 -12.22 -25.94 -28.13
N THR A 147 -13.53 -26.30 -28.19
CA THR A 147 -14.50 -25.81 -27.20
C THR A 147 -14.17 -26.32 -25.80
N ASP A 148 -14.23 -25.44 -24.82
CA ASP A 148 -14.02 -25.75 -23.42
C ASP A 148 -12.70 -26.54 -23.12
N ILE A 149 -11.63 -26.23 -23.89
CA ILE A 149 -10.28 -26.72 -23.64
C ILE A 149 -9.37 -25.48 -23.50
N ARG A 150 -8.53 -25.47 -22.47
CA ARG A 150 -7.49 -24.47 -22.27
C ARG A 150 -6.22 -25.05 -22.91
N ARG A 151 -5.79 -24.55 -24.08
CA ARG A 151 -4.55 -25.07 -24.70
C ARG A 151 -3.37 -24.81 -23.78
N VAL A 152 -2.24 -25.48 -24.03
CA VAL A 152 -1.03 -25.30 -23.25
C VAL A 152 -0.65 -23.80 -23.33
N GLY A 153 -0.44 -23.18 -22.17
CA GLY A 153 -0.03 -21.79 -22.07
C GLY A 153 -1.06 -20.74 -22.45
N CSX A 154 -2.36 -21.08 -22.50
CA CSX A 154 -3.32 -20.04 -22.88
CB CSX A 154 -4.69 -20.48 -23.24
SG CSX A 154 -5.56 -21.42 -22.03
C CSX A 154 -3.49 -18.99 -21.78
O CSX A 154 -3.81 -17.85 -22.11
OD CSX A 154 -6.63 -20.59 -21.69
HA CSX A 154 -2.88 -19.52 -23.74
HB2 CSX A 154 -4.61 -21.03 -24.18
HB3 CSX A 154 -5.30 -19.63 -23.51
HG CSX A 154 -4.67 -21.30 -21.04
N ASP A 155 -3.27 -19.33 -20.49
CA ASP A 155 -3.37 -18.34 -19.43
C ASP A 155 -2.05 -17.62 -19.24
N ILE A 156 -0.94 -18.37 -19.28
CA ILE A 156 0.42 -17.84 -19.13
C ILE A 156 1.31 -18.65 -20.04
N GLU A 157 2.08 -17.98 -20.90
CA GLU A 157 3.03 -18.67 -21.76
C GLU A 157 4.34 -18.89 -21.01
N LYS A 158 5.02 -20.01 -21.30
CA LYS A 158 6.35 -20.29 -20.73
C LYS A 158 7.28 -19.10 -21.09
N ASP A 159 8.05 -18.61 -20.10
CA ASP A 159 8.98 -17.47 -20.22
C ASP A 159 8.30 -16.11 -20.30
N ALA A 160 6.95 -16.02 -20.22
CA ALA A 160 6.30 -14.71 -20.20
C ALA A 160 6.69 -13.99 -18.92
N THR A 161 6.78 -12.66 -18.96
CA THR A 161 7.07 -11.87 -17.76
C THR A 161 5.72 -11.69 -17.04
N VAL A 162 5.54 -12.31 -15.86
CA VAL A 162 4.25 -12.20 -15.12
C VAL A 162 4.25 -11.02 -14.14
N LEU A 163 5.43 -10.60 -13.64
CA LEU A 163 5.58 -9.47 -12.75
C LEU A 163 6.85 -8.75 -13.10
N THR A 164 6.89 -7.42 -12.92
CA THR A 164 8.07 -6.64 -13.30
C THR A 164 8.61 -5.84 -12.13
N THR A 165 9.86 -5.39 -12.27
N THR A 165 9.87 -5.47 -12.21
CA THR A 165 10.55 -4.51 -11.31
CA THR A 165 10.53 -4.61 -11.21
C THR A 165 9.72 -3.26 -11.09
C THR A 165 9.73 -3.31 -11.08
N GLY A 166 9.55 -2.85 -9.84
CA GLY A 166 8.78 -1.64 -9.54
C GLY A 166 7.33 -1.93 -9.24
N GLU A 167 6.88 -3.18 -9.36
CA GLU A 167 5.49 -3.55 -9.10
C GLU A 167 5.27 -3.90 -7.62
N ARG A 168 4.24 -3.28 -6.98
CA ARG A 168 3.95 -3.60 -5.59
C ARG A 168 3.21 -4.93 -5.51
N ILE A 169 3.63 -5.79 -4.57
CA ILE A 169 3.06 -7.14 -4.43
C ILE A 169 1.80 -7.12 -3.52
N GLY A 170 0.66 -7.47 -4.12
CA GLY A 170 -0.60 -7.65 -3.43
C GLY A 170 -0.95 -9.12 -3.48
N ALA A 171 -2.19 -9.47 -3.15
CA ALA A 171 -2.60 -10.89 -3.11
C ALA A 171 -2.53 -11.62 -4.48
N SER A 172 -2.97 -10.98 -5.56
CA SER A 172 -2.90 -11.62 -6.89
C SER A 172 -1.46 -11.78 -7.36
N GLU A 173 -0.55 -10.85 -6.98
CA GLU A 173 0.87 -10.93 -7.31
C GLU A 173 1.52 -12.07 -6.52
N ILE A 174 1.12 -12.28 -5.26
CA ILE A 174 1.55 -13.46 -4.47
C ILE A 174 1.06 -14.74 -5.21
N GLY A 175 -0.19 -14.72 -5.69
CA GLY A 175 -0.73 -15.83 -6.47
C GLY A 175 0.10 -16.10 -7.72
N LEU A 176 0.51 -15.05 -8.43
CA LEU A 176 1.37 -15.19 -9.64
C LEU A 176 2.76 -15.73 -9.32
N LEU A 177 3.35 -15.31 -8.17
CA LEU A 177 4.64 -15.83 -7.72
C LEU A 177 4.52 -17.36 -7.43
N ALA A 178 3.44 -17.76 -6.74
CA ALA A 178 3.22 -19.18 -6.42
C ALA A 178 2.99 -19.99 -7.72
N THR A 179 2.24 -19.43 -8.69
CA THR A 179 2.00 -20.07 -9.99
C THR A 179 3.33 -20.38 -10.64
N ALA A 180 4.25 -19.39 -10.62
CA ALA A 180 5.58 -19.49 -11.23
C ALA A 180 6.62 -20.24 -10.37
N GLY A 181 6.22 -20.76 -9.22
CA GLY A 181 7.11 -21.51 -8.33
C GLY A 181 8.22 -20.69 -7.69
N VAL A 182 7.94 -19.43 -7.38
CA VAL A 182 8.93 -18.52 -6.78
C VAL A 182 8.59 -18.43 -5.31
N THR A 183 9.47 -18.92 -4.43
CA THR A 183 9.18 -18.84 -3.00
C THR A 183 10.21 -17.94 -2.27
N MET A 184 11.25 -17.43 -2.99
CA MET A 184 12.23 -16.47 -2.45
C MET A 184 12.30 -15.32 -3.51
N VAL A 185 11.99 -14.10 -3.09
CA VAL A 185 11.76 -12.94 -3.95
C VAL A 185 12.72 -11.79 -3.66
N LYS A 186 13.27 -11.17 -4.72
CA LYS A 186 14.10 -9.96 -4.55
C LYS A 186 13.15 -8.75 -4.52
N VAL A 187 13.21 -7.97 -3.44
CA VAL A 187 12.31 -6.82 -3.24
C VAL A 187 13.08 -5.65 -2.63
N TYR A 188 12.43 -4.48 -2.59
CA TYR A 188 12.98 -3.33 -1.87
C TYR A 188 12.41 -3.45 -0.46
N PRO A 189 13.27 -3.32 0.57
CA PRO A 189 12.77 -3.45 1.94
C PRO A 189 12.08 -2.18 2.42
N MET A 190 11.44 -2.26 3.58
CA MET A 190 10.85 -1.09 4.20
C MET A 190 11.97 -0.42 5.02
N PRO A 191 11.97 0.92 5.12
CA PRO A 191 12.96 1.58 6.00
C PRO A 191 12.66 1.27 7.47
N ILE A 192 13.69 1.27 8.30
CA ILE A 192 13.53 1.09 9.74
C ILE A 192 13.49 2.53 10.32
N VAL A 193 12.54 2.79 11.20
CA VAL A 193 12.29 4.11 11.73
C VAL A 193 12.46 4.19 13.25
N ALA A 194 13.31 5.12 13.73
CA ALA A 194 13.47 5.40 15.15
C ALA A 194 12.55 6.57 15.48
N ILE A 195 11.94 6.53 16.66
CA ILE A 195 10.99 7.53 17.12
C ILE A 195 11.28 7.90 18.56
N LEU A 196 11.28 9.19 18.84
CA LEU A 196 11.41 9.69 20.21
C LEU A 196 10.55 10.93 20.39
N SER A 197 10.24 11.23 21.66
CA SER A 197 9.52 12.45 22.05
C SER A 197 10.48 13.28 22.86
N THR A 198 10.22 14.58 22.91
CA THR A 198 11.03 15.50 23.68
C THR A 198 10.15 16.34 24.59
N GLY A 199 10.65 16.58 25.79
CA GLY A 199 10.01 17.52 26.70
C GLY A 199 10.10 17.21 28.17
N ASP A 200 10.41 18.24 28.98
CA ASP A 200 10.43 18.10 30.42
C ASP A 200 9.00 17.98 30.98
N GLU A 201 7.98 18.46 30.23
CA GLU A 201 6.58 18.40 30.65
C GLU A 201 5.95 17.02 30.39
N LEU A 202 6.62 16.17 29.64
CA LEU A 202 6.01 14.87 29.30
C LEU A 202 6.14 13.83 30.39
N VAL A 203 5.13 12.94 30.45
CA VAL A 203 5.16 11.73 31.26
C VAL A 203 4.70 10.60 30.35
N GLU A 204 4.95 9.37 30.75
CA GLU A 204 4.52 8.22 29.94
C GLU A 204 3.00 8.16 29.83
N PRO A 205 2.43 7.59 28.75
CA PRO A 205 0.97 7.44 28.68
C PRO A 205 0.43 6.47 29.75
N THR A 206 1.27 5.73 30.47
CA THR A 206 0.79 4.91 31.59
C THR A 206 0.47 5.78 32.84
N ALA A 207 0.93 7.05 32.90
CA ALA A 207 0.67 7.86 34.09
C ALA A 207 -0.82 8.02 34.42
N GLY A 208 -1.14 7.93 35.71
CA GLY A 208 -2.47 8.18 36.26
C GLY A 208 -2.59 9.67 36.53
N THR A 209 -2.72 10.08 37.79
CA THR A 209 -2.85 11.50 38.17
C THR A 209 -1.64 12.29 37.72
N LEU A 210 -1.85 13.36 36.95
CA LEU A 210 -0.74 14.18 36.45
C LEU A 210 -0.34 15.21 37.49
N GLY A 211 0.97 15.42 37.63
CA GLY A 211 1.50 16.46 38.49
C GLY A 211 1.31 17.79 37.79
N ARG A 212 1.59 18.90 38.48
CA ARG A 212 1.45 20.24 37.85
C ARG A 212 2.39 20.32 36.65
N GLY A 213 1.95 20.96 35.58
CA GLY A 213 2.76 21.18 34.39
C GLY A 213 3.18 19.91 33.65
N GLN A 214 2.36 18.86 33.69
CA GLN A 214 2.63 17.59 33.00
C GLN A 214 1.51 17.20 32.08
N ILE A 215 1.86 16.52 30.99
CA ILE A 215 0.94 15.97 30.03
C ILE A 215 1.44 14.61 29.63
N ARG A 216 0.54 13.73 29.19
CA ARG A 216 0.98 12.43 28.71
C ARG A 216 1.62 12.57 27.34
N ASP A 217 2.72 11.84 27.13
CA ASP A 217 3.35 11.79 25.80
C ASP A 217 2.34 11.08 24.84
N SER A 218 1.72 11.82 23.92
CA SER A 218 0.78 11.23 22.95
C SER A 218 1.43 11.08 21.56
N ASN A 219 2.35 11.97 21.19
CA ASN A 219 2.99 11.91 19.88
C ASN A 219 3.75 10.64 19.61
N ARG A 220 4.48 10.10 20.61
CA ARG A 220 5.26 8.90 20.34
C ARG A 220 4.38 7.72 19.96
N ALA A 221 3.34 7.40 20.75
CA ALA A 221 2.45 6.29 20.39
C ALA A 221 1.71 6.53 19.05
N MET A 222 1.34 7.80 18.80
CA MET A 222 0.66 8.19 17.57
C MET A 222 1.56 7.90 16.37
N LEU A 223 2.84 8.31 16.46
CA LEU A 223 3.82 8.11 15.38
C LEU A 223 4.20 6.64 15.26
N VAL A 224 4.33 5.91 16.39
CA VAL A 224 4.60 4.46 16.34
C VAL A 224 3.48 3.80 15.52
N ALA A 225 2.21 4.14 15.84
CA ALA A 225 1.06 3.58 15.12
C ALA A 225 1.06 3.99 13.63
N ALA A 226 1.39 5.25 13.34
CA ALA A 226 1.42 5.72 11.95
C ALA A 226 2.51 5.00 11.15
N VAL A 227 3.66 4.76 11.74
CA VAL A 227 4.76 4.03 11.08
C VAL A 227 4.37 2.53 10.94
N MET A 228 3.63 1.95 11.92
CA MET A 228 3.15 0.54 11.83
C MET A 228 2.14 0.44 10.65
N GLN A 229 1.30 1.47 10.44
CA GLN A 229 0.34 1.49 9.31
C GLN A 229 1.10 1.50 7.96
N GLN A 230 2.31 2.07 7.93
CA GLN A 230 3.18 2.07 6.74
C GLN A 230 4.03 0.79 6.65
N GLN A 231 3.82 -0.20 7.56
CA GLN A 231 4.49 -1.50 7.52
C GLN A 231 5.99 -1.44 7.73
N CYS A 232 6.46 -0.46 8.55
CA CYS A 232 7.90 -0.34 8.85
C CYS A 232 8.16 -0.83 10.25
N LYS A 233 9.36 -1.35 10.47
CA LYS A 233 9.78 -1.73 11.81
C LYS A 233 10.01 -0.42 12.59
N VAL A 234 9.63 -0.42 13.87
CA VAL A 234 9.80 0.76 14.73
C VAL A 234 10.87 0.51 15.79
N VAL A 235 11.69 1.54 16.06
CA VAL A 235 12.66 1.55 17.14
C VAL A 235 12.15 2.68 18.06
N ASP A 236 11.57 2.31 19.20
CA ASP A 236 11.00 3.26 20.15
C ASP A 236 12.09 3.75 21.12
N LEU A 237 12.53 5.01 20.98
CA LEU A 237 13.58 5.57 21.82
C LEU A 237 13.05 6.38 23.01
N GLY A 238 11.73 6.35 23.26
CA GLY A 238 11.18 6.93 24.47
C GLY A 238 11.17 8.45 24.56
N ILE A 239 11.07 8.96 25.80
CA ILE A 239 11.02 10.38 26.11
C ILE A 239 12.44 10.87 26.38
N VAL A 240 12.81 11.99 25.75
CA VAL A 240 14.12 12.61 25.93
C VAL A 240 13.84 13.98 26.56
N ARG A 241 14.63 14.37 27.57
CA ARG A 241 14.40 15.65 28.25
C ARG A 241 15.03 16.81 27.48
N ASP A 242 14.69 18.06 27.86
CA ASP A 242 15.17 19.28 27.17
C ASP A 242 16.56 19.62 27.68
N ASP A 243 17.50 18.76 27.31
CA ASP A 243 18.90 18.86 27.73
C ASP A 243 19.71 18.57 26.49
N ARG A 244 20.55 19.52 26.06
CA ARG A 244 21.32 19.38 24.82
C ARG A 244 22.20 18.14 24.77
N LYS A 245 22.96 17.87 25.85
CA LYS A 245 23.84 16.69 25.88
C LYS A 245 23.07 15.37 25.84
N GLU A 246 21.91 15.31 26.51
CA GLU A 246 21.14 14.06 26.48
C GLU A 246 20.53 13.79 25.12
N LEU A 247 19.95 14.82 24.48
CA LEU A 247 19.39 14.66 23.13
C LEU A 247 20.49 14.33 22.11
N GLU A 248 21.67 14.93 22.25
CA GLU A 248 22.80 14.62 21.36
C GLU A 248 23.18 13.15 21.47
N LYS A 249 23.26 12.61 22.71
CA LYS A 249 23.62 11.20 22.91
C LYS A 249 22.57 10.27 22.27
N VAL A 250 21.28 10.53 22.50
CA VAL A 250 20.21 9.70 21.91
C VAL A 250 20.28 9.77 20.37
N LEU A 251 20.46 10.98 19.80
CA LEU A 251 20.54 11.12 18.35
C LEU A 251 21.77 10.42 17.79
N ASP A 252 22.93 10.54 18.47
CA ASP A 252 24.16 9.84 18.05
C ASP A 252 23.93 8.32 18.08
N GLU A 253 23.26 7.80 19.11
CA GLU A 253 22.94 6.36 19.23
C GLU A 253 21.95 5.93 18.15
N ALA A 254 20.91 6.73 17.90
CA ALA A 254 19.93 6.45 16.84
C ALA A 254 20.67 6.42 15.48
N VAL A 255 21.51 7.43 15.18
CA VAL A 255 22.23 7.49 13.90
C VAL A 255 23.11 6.23 13.65
N SER A 256 23.80 5.72 14.69
CA SER A 256 24.69 4.55 14.53
C SER A 256 23.99 3.20 14.69
N SER A 257 22.72 3.19 15.09
CA SER A 257 21.95 1.95 15.32
C SER A 257 21.58 1.10 14.07
N GLY A 258 21.60 1.70 12.88
CA GLY A 258 21.23 1.02 11.64
C GLY A 258 19.89 1.47 11.10
N VAL A 259 19.18 2.39 11.78
CA VAL A 259 17.90 2.89 11.26
C VAL A 259 18.11 3.74 10.01
N ASP A 260 17.05 3.88 9.21
CA ASP A 260 17.05 4.69 7.98
C ASP A 260 16.44 6.06 8.18
N ILE A 261 15.42 6.15 9.05
CA ILE A 261 14.75 7.41 9.34
C ILE A 261 14.69 7.60 10.86
N ILE A 262 14.88 8.84 11.31
CA ILE A 262 14.71 9.20 12.69
C ILE A 262 13.56 10.23 12.73
N LEU A 263 12.56 10.01 13.59
CA LEU A 263 11.49 10.98 13.79
C LEU A 263 11.58 11.48 15.23
N THR A 264 11.68 12.80 15.40
CA THR A 264 11.59 13.42 16.73
C THR A 264 10.34 14.28 16.67
N SER A 265 9.78 14.68 17.83
CA SER A 265 8.70 15.67 17.84
C SER A 265 9.00 16.63 18.99
N GLY A 266 8.64 17.89 18.84
CA GLY A 266 8.89 18.91 19.85
C GLY A 266 10.33 19.42 19.77
N GLY A 267 10.67 20.36 20.65
CA GLY A 267 12.01 20.92 20.70
C GLY A 267 12.48 21.58 19.42
N VAL A 268 11.53 22.10 18.59
CA VAL A 268 11.81 22.76 17.30
C VAL A 268 11.13 24.12 17.15
N SER A 269 10.57 24.71 18.24
CA SER A 269 9.94 26.03 18.16
C SER A 269 11.03 27.09 18.55
N MET A 270 10.63 28.21 19.17
CA MET A 270 11.54 29.30 19.52
C MET A 270 11.95 29.30 21.00
N GLY A 271 11.77 28.17 21.69
CA GLY A 271 12.11 28.10 23.11
C GLY A 271 13.62 28.08 23.34
N ASP A 272 14.05 28.52 24.52
CA ASP A 272 15.50 28.54 24.83
C ASP A 272 16.07 27.12 25.10
N ARG A 273 15.21 26.07 25.22
CA ARG A 273 15.68 24.69 25.38
C ARG A 273 15.16 23.79 24.24
N ASP A 274 15.03 24.34 23.02
CA ASP A 274 14.59 23.61 21.82
C ASP A 274 15.88 23.29 21.07
N PHE A 275 16.47 22.10 21.34
CA PHE A 275 17.79 21.70 20.82
C PHE A 275 17.78 20.82 19.56
N VAL A 276 16.62 20.37 19.10
CA VAL A 276 16.56 19.48 17.91
C VAL A 276 17.20 20.10 16.67
N LYS A 277 16.75 21.30 16.28
CA LYS A 277 17.27 22.00 15.09
C LYS A 277 18.81 22.23 15.18
N PRO A 278 19.36 22.87 16.22
CA PRO A 278 20.83 23.04 16.26
C PRO A 278 21.60 21.71 16.34
N LEU A 279 21.05 20.66 16.99
CA LEU A 279 21.74 19.36 17.00
C LEU A 279 21.75 18.71 15.60
N LEU A 280 20.65 18.82 14.83
CA LEU A 280 20.64 18.29 13.46
C LEU A 280 21.57 19.10 12.55
N GLU A 281 21.71 20.43 12.76
CA GLU A 281 22.66 21.26 11.99
C GLU A 281 24.11 20.81 12.26
N GLU A 282 24.39 20.39 13.49
CA GLU A 282 25.71 19.95 13.90
C GLU A 282 26.05 18.53 13.39
N LYS A 283 25.08 17.58 13.42
CA LYS A 283 25.33 16.20 13.00
C LYS A 283 25.28 15.98 11.48
N GLY A 284 24.53 16.79 10.76
CA GLY A 284 24.40 16.60 9.32
C GLY A 284 23.99 17.85 8.58
N LYS A 285 23.32 17.67 7.44
CA LYS A 285 22.87 18.77 6.61
C LYS A 285 21.37 19.03 6.81
N VAL A 286 21.00 20.21 7.33
CA VAL A 286 19.61 20.63 7.47
C VAL A 286 19.22 21.36 6.16
N TYR A 287 18.23 20.84 5.42
CA TYR A 287 17.79 21.46 4.17
C TYR A 287 16.79 22.58 4.38
N PHE A 288 15.97 22.49 5.45
CA PHE A 288 15.00 23.53 5.79
C PHE A 288 14.53 23.29 7.21
N SER A 289 14.01 24.33 7.85
CA SER A 289 13.53 24.28 9.22
C SER A 289 12.17 24.94 9.43
N LYS A 290 11.60 25.57 8.39
CA LYS A 290 10.35 26.33 8.50
C LYS A 290 9.60 26.18 7.18
N VAL A 291 8.27 25.95 7.25
CA VAL A 291 7.43 25.75 6.05
C VAL A 291 6.18 26.62 6.14
N LEU A 292 5.77 27.22 5.01
CA LEU A 292 4.58 28.08 4.97
C LEU A 292 3.36 27.15 4.86
N MET A 293 2.64 26.98 5.97
CA MET A 293 1.49 26.09 5.99
C MET A 293 0.68 26.30 7.25
N LYS A 294 -0.55 25.83 7.25
CA LYS A 294 -1.43 25.79 8.41
C LYS A 294 -1.93 24.33 8.41
N PRO A 295 -1.72 23.54 9.47
CA PRO A 295 -1.21 23.92 10.80
C PRO A 295 0.32 24.01 10.88
N GLY A 296 0.78 24.81 11.83
CA GLY A 296 2.18 24.89 12.17
C GLY A 296 3.08 25.80 11.37
N LYS A 297 4.37 25.44 11.38
CA LYS A 297 5.46 26.21 10.77
C LYS A 297 6.79 25.46 10.95
N PRO A 298 7.25 25.13 12.18
CA PRO A 298 8.54 24.44 12.30
C PRO A 298 8.51 23.00 11.79
N LEU A 299 9.49 22.67 10.98
CA LEU A 299 9.70 21.32 10.45
C LEU A 299 11.12 21.27 9.96
N THR A 300 11.99 20.51 10.65
CA THR A 300 13.40 20.38 10.25
C THR A 300 13.54 19.09 9.47
N PHE A 301 14.25 19.13 8.34
CA PHE A 301 14.54 17.95 7.57
C PHE A 301 16.06 17.90 7.42
N ALA A 302 16.70 16.80 7.83
CA ALA A 302 18.15 16.71 7.71
C ALA A 302 18.61 15.37 7.20
N GLU A 303 19.80 15.34 6.60
CA GLU A 303 20.42 14.12 6.11
C GLU A 303 21.70 13.97 6.93
N ILE A 304 21.84 12.83 7.63
CA ILE A 304 23.02 12.55 8.44
C ILE A 304 23.75 11.35 7.82
N ARG A 305 25.09 11.36 7.84
CA ARG A 305 25.88 10.23 7.37
C ARG A 305 26.31 9.50 8.64
N ALA A 306 25.99 8.20 8.78
CA ALA A 306 26.41 7.41 9.95
C ALA A 306 27.91 7.07 9.82
N LYS A 307 28.64 7.00 10.94
CA LYS A 307 30.09 6.71 10.93
C LYS A 307 30.40 5.30 10.38
N PRO A 308 31.22 5.15 9.30
CA PRO A 308 31.52 3.78 8.81
C PRO A 308 32.38 2.95 9.77
N GLY A 314 29.01 2.31 6.29
CA GLY A 314 28.53 3.70 6.32
C GLY A 314 27.26 3.90 5.53
N LYS A 315 26.28 4.61 6.10
CA LYS A 315 25.02 4.87 5.38
C LYS A 315 24.37 6.18 5.79
N THR A 316 23.44 6.61 4.94
CA THR A 316 22.67 7.81 5.13
C THR A 316 21.49 7.56 6.07
N VAL A 317 21.19 8.53 6.94
CA VAL A 317 20.03 8.50 7.83
C VAL A 317 19.27 9.82 7.60
N LEU A 318 17.95 9.73 7.34
CA LEU A 318 17.12 10.90 7.15
C LEU A 318 16.49 11.26 8.49
N ALA A 319 16.45 12.55 8.84
CA ALA A 319 15.84 12.98 10.10
C ALA A 319 14.75 14.00 9.86
N PHE A 320 13.59 13.81 10.52
CA PHE A 320 12.49 14.76 10.52
C PHE A 320 12.31 15.25 11.96
N GLY A 321 12.56 16.54 12.17
CA GLY A 321 12.31 17.21 13.44
C GLY A 321 10.88 17.69 13.36
N LEU A 322 9.94 16.83 13.74
CA LEU A 322 8.52 17.16 13.61
C LEU A 322 8.07 18.11 14.68
N PRO A 323 7.03 18.92 14.41
CA PRO A 323 6.55 19.84 15.45
C PRO A 323 5.94 19.09 16.63
N GLY A 324 5.98 19.70 17.81
CA GLY A 324 5.42 19.08 19.01
C GLY A 324 3.91 19.08 19.05
N ASN A 325 3.26 20.15 18.50
CA ASN A 325 1.79 20.20 18.52
C ASN A 325 1.22 18.94 17.84
N PRO A 326 0.41 18.13 18.55
CA PRO A 326 -0.06 16.84 17.98
C PRO A 326 -0.63 16.84 16.56
N VAL A 327 -1.43 17.86 16.22
CA VAL A 327 -2.04 17.96 14.88
C VAL A 327 -0.94 18.19 13.83
N ALA A 328 -0.10 19.23 14.05
CA ALA A 328 0.99 19.53 13.11
C ALA A 328 1.96 18.37 13.01
N CYS A 329 2.16 17.64 14.12
CA CYS A 329 3.02 16.46 14.13
C CYS A 329 2.48 15.42 13.12
N LEU A 330 1.21 15.06 13.24
CA LEU A 330 0.60 14.06 12.35
C LEU A 330 0.42 14.53 10.90
N VAL A 331 0.03 15.81 10.72
CA VAL A 331 -0.10 16.38 9.37
C VAL A 331 1.26 16.32 8.68
N CYS A 332 2.35 16.70 9.39
CA CYS A 332 3.70 16.64 8.78
C CYS A 332 4.10 15.21 8.45
N PHE A 333 3.77 14.24 9.32
CA PHE A 333 4.01 12.82 9.04
C PHE A 333 3.31 12.43 7.72
N ASN A 334 2.00 12.75 7.63
CA ASN A 334 1.17 12.38 6.47
C ASN A 334 1.65 12.96 5.14
N ILE A 335 2.06 14.22 5.15
CA ILE A 335 2.49 14.93 3.94
C ILE A 335 3.92 14.69 3.58
N PHE A 336 4.85 14.68 4.55
CA PHE A 336 6.28 14.60 4.26
C PHE A 336 6.93 13.26 4.54
N VAL A 337 6.53 12.57 5.63
CA VAL A 337 7.20 11.31 6.00
C VAL A 337 6.66 10.13 5.19
N VAL A 338 5.34 10.05 4.98
CA VAL A 338 4.75 8.93 4.21
C VAL A 338 5.40 8.78 2.79
N PRO A 339 5.48 9.84 1.97
CA PRO A 339 6.13 9.67 0.66
C PRO A 339 7.62 9.34 0.79
N THR A 340 8.29 9.76 1.88
CA THR A 340 9.71 9.41 2.10
C THR A 340 9.85 7.92 2.36
N ILE A 341 8.97 7.36 3.22
CA ILE A 341 8.99 5.92 3.48
C ILE A 341 8.78 5.15 2.18
N ARG A 342 7.78 5.58 1.38
CA ARG A 342 7.44 4.95 0.11
C ARG A 342 8.60 5.02 -0.89
N GLN A 343 9.27 6.19 -0.99
CA GLN A 343 10.41 6.35 -1.88
C GLN A 343 11.53 5.38 -1.47
N LEU A 344 11.86 5.34 -0.16
CA LEU A 344 12.87 4.41 0.37
C LEU A 344 12.53 2.93 0.10
N ALA A 345 11.24 2.60 0.19
CA ALA A 345 10.74 1.25 -0.08
C ALA A 345 10.54 0.97 -1.62
N GLY A 346 11.06 1.83 -2.50
CA GLY A 346 11.05 1.60 -3.95
C GLY A 346 9.75 1.85 -4.70
N TRP A 347 8.80 2.59 -4.10
CA TRP A 347 7.56 2.92 -4.80
C TRP A 347 7.89 3.91 -5.93
N THR A 348 7.41 3.64 -7.16
CA THR A 348 7.62 4.53 -8.32
C THR A 348 6.63 5.70 -8.25
N SER A 349 5.52 5.54 -7.50
CA SER A 349 4.51 6.58 -7.31
C SER A 349 4.31 6.83 -5.79
N PRO A 350 5.22 7.57 -5.14
CA PRO A 350 5.07 7.77 -3.68
C PRO A 350 4.06 8.81 -3.25
N HIS A 351 3.60 9.70 -4.18
CA HIS A 351 2.67 10.77 -3.84
C HIS A 351 1.34 10.22 -3.33
N PRO A 352 0.66 10.95 -2.45
CA PRO A 352 -0.63 10.47 -1.97
C PRO A 352 -1.69 10.70 -3.04
N LEU A 353 -2.83 10.03 -2.90
CA LEU A 353 -3.93 10.23 -3.84
C LEU A 353 -4.53 11.62 -3.53
N ARG A 354 -4.72 12.43 -4.58
CA ARG A 354 -5.38 13.73 -4.52
C ARG A 354 -6.64 13.59 -5.36
N VAL A 355 -7.78 14.03 -4.82
CA VAL A 355 -9.04 14.02 -5.54
C VAL A 355 -9.60 15.43 -5.48
N ARG A 356 -10.71 15.65 -6.15
CA ARG A 356 -11.43 16.92 -6.14
C ARG A 356 -12.74 16.57 -5.44
N LEU A 357 -13.25 17.48 -4.60
CA LEU A 357 -14.48 17.19 -3.87
C LEU A 357 -15.24 18.47 -3.56
N ARG A 358 -16.52 18.36 -3.14
CA ARG A 358 -17.32 19.52 -2.78
C ARG A 358 -17.45 19.66 -1.27
N LEU A 359 -17.44 20.90 -0.76
CA LEU A 359 -17.59 21.15 0.68
C LEU A 359 -19.05 20.98 1.12
N GLN A 360 -19.30 20.27 2.23
CA GLN A 360 -20.66 20.13 2.78
C GLN A 360 -21.06 21.33 3.65
N GLU A 361 -20.09 22.19 3.99
CA GLU A 361 -20.31 23.35 4.86
C GLU A 361 -19.31 24.45 4.48
N PRO A 362 -19.53 25.71 4.87
CA PRO A 362 -18.54 26.75 4.55
C PRO A 362 -17.25 26.65 5.40
N ILE A 363 -16.11 27.05 4.82
CA ILE A 363 -14.82 27.04 5.51
C ILE A 363 -14.09 28.33 5.18
N LYS A 364 -13.59 29.04 6.20
CA LYS A 364 -12.83 30.25 6.00
C LYS A 364 -11.38 29.89 5.78
N SER A 365 -10.81 30.32 4.64
CA SER A 365 -9.40 30.06 4.38
C SER A 365 -8.56 31.14 5.06
N ASP A 366 -7.28 30.86 5.28
CA ASP A 366 -6.36 31.79 5.96
C ASP A 366 -5.86 32.84 4.95
N PRO A 367 -5.59 34.10 5.35
CA PRO A 367 -5.09 35.08 4.37
C PRO A 367 -3.63 34.87 3.94
N ILE A 368 -2.78 34.23 4.78
CA ILE A 368 -1.35 34.04 4.49
C ILE A 368 -0.92 32.57 4.25
N ARG A 369 -1.35 31.64 5.13
CA ARG A 369 -0.91 30.25 5.09
C ARG A 369 -1.87 29.30 4.39
N PRO A 370 -1.45 28.54 3.35
CA PRO A 370 -2.36 27.52 2.79
C PRO A 370 -2.65 26.46 3.86
N GLU A 371 -3.90 26.03 4.00
CA GLU A 371 -4.25 25.08 5.05
C GLU A 371 -4.41 23.64 4.57
N PHE A 372 -4.07 22.69 5.45
CA PHE A 372 -4.31 21.25 5.32
C PHE A 372 -5.44 20.99 6.33
N HIS A 373 -6.66 21.36 5.92
CA HIS A 373 -7.87 21.30 6.77
C HIS A 373 -8.35 19.88 6.89
N ARG A 374 -8.42 19.35 8.13
CA ARG A 374 -8.83 17.93 8.30
C ARG A 374 -10.28 17.76 7.99
N ALA A 375 -10.62 16.66 7.30
CA ALA A 375 -11.98 16.41 6.92
C ALA A 375 -12.32 14.94 6.89
N ILE A 376 -13.62 14.64 7.00
CA ILE A 376 -14.16 13.27 6.86
C ILE A 376 -14.84 13.33 5.51
N ILE A 377 -14.35 12.53 4.54
CA ILE A 377 -14.90 12.53 3.19
C ILE A 377 -15.60 11.20 2.88
N LYS A 378 -16.55 11.26 1.96
CA LYS A 378 -17.30 10.08 1.51
C LYS A 378 -17.79 10.28 0.10
N TRP A 379 -18.03 9.18 -0.61
CA TRP A 379 -18.55 9.23 -1.97
C TRP A 379 -20.07 9.23 -1.89
N LYS A 380 -20.71 10.16 -2.59
CA LYS A 380 -22.18 10.27 -2.62
C LYS A 380 -22.68 10.12 -4.04
N ASP A 381 -23.91 9.59 -4.18
CA ASP A 381 -24.60 9.42 -5.48
C ASP A 381 -24.89 10.80 -6.08
N ASN A 382 -25.13 11.81 -5.21
CA ASN A 382 -25.32 13.19 -5.60
C ASN A 382 -24.43 14.00 -4.66
N ASP A 383 -23.36 14.62 -5.21
CA ASP A 383 -22.43 15.41 -4.39
C ASP A 383 -22.94 16.85 -4.11
N GLY A 384 -24.17 17.16 -4.52
CA GLY A 384 -24.77 18.47 -4.37
C GLY A 384 -25.07 19.11 -5.70
N SER A 385 -24.27 18.78 -6.74
CA SER A 385 -24.39 19.33 -8.09
C SER A 385 -25.23 18.48 -9.06
N GLY A 386 -25.86 17.40 -8.57
CA GLY A 386 -26.66 16.50 -9.41
C GLY A 386 -25.90 15.30 -9.98
N THR A 387 -24.57 15.21 -9.78
CA THR A 387 -23.74 14.09 -10.27
C THR A 387 -22.98 13.48 -9.09
N PRO A 388 -22.62 12.18 -9.16
CA PRO A 388 -21.90 11.56 -8.03
C PRO A 388 -20.50 12.11 -7.82
N GLY A 389 -20.02 12.04 -6.60
CA GLY A 389 -18.71 12.56 -6.27
C GLY A 389 -18.42 12.58 -4.79
N PHE A 390 -17.17 12.94 -4.45
CA PHE A 390 -16.76 13.02 -3.06
C PHE A 390 -17.28 14.30 -2.43
N VAL A 391 -17.61 14.25 -1.14
CA VAL A 391 -18.00 15.45 -0.38
C VAL A 391 -17.18 15.43 0.90
N ALA A 392 -17.00 16.59 1.55
CA ALA A 392 -16.21 16.68 2.77
C ALA A 392 -16.93 17.46 3.86
N GLU A 393 -16.76 16.98 5.10
CA GLU A 393 -17.20 17.69 6.30
C GLU A 393 -15.93 18.01 7.05
N SER A 394 -15.86 19.21 7.64
CA SER A 394 -14.73 19.58 8.47
C SER A 394 -14.82 18.80 9.77
N THR A 395 -13.65 18.53 10.42
CA THR A 395 -13.65 17.94 11.76
C THR A 395 -13.85 19.04 12.86
N GLY A 396 -14.12 20.29 12.47
CA GLY A 396 -14.40 21.38 13.41
C GLY A 396 -13.22 22.32 13.57
N HIS A 397 -12.99 22.80 14.81
N HIS A 397 -13.02 22.86 14.79
CA HIS A 397 -11.89 23.71 15.14
CA HIS A 397 -11.91 23.79 15.02
C HIS A 397 -10.56 23.06 14.74
C HIS A 397 -10.60 23.10 14.72
N GLN A 398 -9.71 23.79 13.99
CA GLN A 398 -8.45 23.25 13.48
C GLN A 398 -7.22 23.63 14.30
N MET A 399 -7.37 24.16 15.55
CA MET A 399 -6.21 24.52 16.39
C MET A 399 -5.19 23.38 16.40
N SER A 400 -3.89 23.71 16.27
N SER A 400 -3.89 23.70 16.27
CA SER A 400 -2.83 22.70 16.20
CA SER A 400 -2.85 22.68 16.19
C SER A 400 -2.68 21.83 17.48
C SER A 400 -2.68 21.83 17.48
N SER A 401 -3.15 22.34 18.64
CA SER A 401 -3.08 21.59 19.91
C SER A 401 -4.24 20.59 20.06
N ARG A 402 -5.26 20.67 19.16
CA ARG A 402 -6.51 19.89 19.25
C ARG A 402 -6.44 18.60 18.42
N LEU A 403 -5.94 17.53 19.03
CA LEU A 403 -5.85 16.22 18.36
C LEU A 403 -7.24 15.67 17.93
N LEU A 404 -8.34 16.12 18.58
CA LEU A 404 -9.70 15.73 18.18
C LEU A 404 -10.00 16.19 16.75
N SER A 405 -9.28 17.22 16.22
CA SER A 405 -9.44 17.63 14.82
C SER A 405 -8.89 16.54 13.85
N MET A 406 -8.01 15.61 14.31
CA MET A 406 -7.50 14.50 13.47
C MET A 406 -8.42 13.27 13.54
N ARG A 407 -9.28 13.18 14.57
CA ARG A 407 -10.15 12.02 14.79
C ARG A 407 -11.04 11.69 13.58
N SER A 408 -10.94 10.45 13.08
CA SER A 408 -11.71 9.98 11.92
C SER A 408 -11.36 10.70 10.60
N ALA A 409 -10.40 11.67 10.59
CA ALA A 409 -10.10 12.40 9.36
C ALA A 409 -9.41 11.49 8.37
N ASN A 410 -10.01 11.28 7.21
CA ASN A 410 -9.44 10.46 6.13
C ASN A 410 -8.88 11.35 5.01
N ALA A 411 -8.97 12.69 5.13
CA ALA A 411 -8.43 13.58 4.10
C ALA A 411 -7.98 14.91 4.65
N LEU A 412 -7.06 15.56 3.90
CA LEU A 412 -6.59 16.90 4.20
C LEU A 412 -7.00 17.78 3.02
N LEU A 413 -7.93 18.71 3.25
CA LEU A 413 -8.41 19.63 2.20
C LEU A 413 -7.30 20.66 2.01
N GLU A 414 -6.90 20.90 0.76
CA GLU A 414 -5.85 21.87 0.44
C GLU A 414 -6.52 23.17 0.17
N LEU A 415 -6.57 24.07 1.17
CA LEU A 415 -7.26 25.33 1.01
C LEU A 415 -6.22 26.44 0.73
N PRO A 416 -6.20 27.04 -0.49
CA PRO A 416 -5.22 28.12 -0.75
C PRO A 416 -5.36 29.35 0.16
N ALA A 417 -4.27 30.10 0.33
CA ALA A 417 -4.25 31.29 1.19
C ALA A 417 -4.91 32.53 0.55
N THR A 418 -6.25 32.51 0.35
CA THR A 418 -6.99 33.63 -0.23
C THR A 418 -7.66 34.50 0.85
N GLY A 419 -7.81 33.98 2.07
CA GLY A 419 -8.47 34.69 3.15
C GLY A 419 -9.98 34.78 3.02
N ASN A 420 -10.56 34.16 1.96
CA ASN A 420 -11.99 34.20 1.68
C ASN A 420 -12.71 33.01 2.27
N VAL A 421 -14.04 33.14 2.38
CA VAL A 421 -14.90 32.08 2.87
C VAL A 421 -15.25 31.23 1.66
N LEU A 422 -14.87 29.94 1.70
CA LEU A 422 -15.20 28.97 0.66
C LEU A 422 -16.55 28.45 1.08
N SER A 423 -17.58 28.73 0.27
CA SER A 423 -18.94 28.36 0.62
C SER A 423 -19.22 26.88 0.42
N ALA A 424 -20.30 26.40 1.06
CA ALA A 424 -20.76 25.01 0.91
C ALA A 424 -21.10 24.79 -0.56
N GLY A 425 -20.67 23.66 -1.11
CA GLY A 425 -20.88 23.32 -2.51
C GLY A 425 -19.71 23.66 -3.42
N SER A 426 -18.75 24.51 -2.97
CA SER A 426 -17.57 24.84 -3.78
C SER A 426 -16.60 23.63 -3.81
N SER A 427 -15.77 23.52 -4.86
CA SER A 427 -14.87 22.40 -5.04
C SER A 427 -13.43 22.69 -4.58
N VAL A 428 -12.78 21.72 -3.94
CA VAL A 428 -11.40 21.87 -3.47
C VAL A 428 -10.62 20.60 -3.73
N SER A 429 -9.31 20.73 -3.75
CA SER A 429 -8.42 19.57 -3.88
C SER A 429 -8.30 18.96 -2.45
N ALA A 430 -8.22 17.63 -2.37
CA ALA A 430 -8.08 16.94 -1.09
C ALA A 430 -7.08 15.79 -1.19
N ILE A 431 -6.20 15.68 -0.18
CA ILE A 431 -5.22 14.60 -0.07
C ILE A 431 -5.87 13.49 0.73
N ILE A 432 -5.93 12.26 0.19
CA ILE A 432 -6.50 11.12 0.93
C ILE A 432 -5.38 10.52 1.77
N VAL A 433 -5.56 10.45 3.12
CA VAL A 433 -4.51 9.99 4.05
C VAL A 433 -4.79 8.63 4.70
N SER A 434 -5.96 8.03 4.50
CA SER A 434 -6.22 6.70 5.10
C SER A 434 -6.88 5.85 4.05
N ASP A 435 -6.52 4.54 4.06
CA ASP A 435 -6.90 3.53 3.06
C ASP A 435 -8.26 3.77 2.45
N ILE A 436 -8.28 4.33 1.21
CA ILE A 436 -9.51 4.57 0.43
C ILE A 436 -10.43 3.32 0.33
N SER A 437 -9.88 2.07 0.46
CA SER A 437 -10.71 0.85 0.35
C SER A 437 -11.36 0.54 1.73
N ALA A 438 -10.89 1.23 2.80
CA ALA A 438 -11.47 1.11 4.13
C ALA A 438 -12.45 2.29 4.39
N PHE A 439 -12.79 3.13 3.35
CA PHE A 439 -13.72 4.25 3.48
C PHE A 439 -15.14 3.78 3.80
N SER A 440 -15.74 4.33 4.88
CA SER A 440 -17.14 4.06 5.22
C SER A 440 -18.04 4.65 4.11
N ILE A 441 -19.02 3.86 3.60
CA ILE A 441 -19.91 4.33 2.52
C ILE A 441 -20.90 5.39 3.03
N ASP A 442 -21.56 6.08 2.09
CA ASP A 442 -22.60 7.07 2.43
C ASP A 442 -23.89 6.31 2.77
P AMP B . 7.69 22.28 21.65
O1P AMP B . 7.48 23.60 22.40
O2P AMP B . 8.59 21.32 22.38
O3P AMP B . 8.02 22.48 20.20
O5' AMP B . 6.21 21.65 21.67
C5' AMP B . 5.07 22.36 21.15
C4' AMP B . 3.79 21.94 21.84
O4' AMP B . 3.53 20.54 21.63
C3' AMP B . 3.81 22.14 23.34
O3' AMP B . 2.51 22.63 23.74
C2' AMP B . 4.11 20.76 23.90
O2' AMP B . 3.68 20.55 25.24
C1' AMP B . 3.44 19.85 22.88
N9 AMP B . 4.11 18.55 22.80
C8 AMP B . 5.42 18.35 22.53
N7 AMP B . 5.68 17.03 22.50
C5 AMP B . 4.53 16.36 22.72
C6 AMP B . 4.12 14.95 22.83
N6 AMP B . 5.00 13.97 22.71
N1 AMP B . 2.81 14.66 23.07
C2 AMP B . 1.90 15.65 23.22
N3 AMP B . 2.21 16.96 23.13
C4 AMP B . 3.49 17.37 22.87
H5'1 AMP B . 4.99 22.16 20.08
H5'2 AMP B . 5.21 23.44 21.25
H4' AMP B . 2.96 22.53 21.41
H3' AMP B . 4.61 22.83 23.63
HO3' AMP B . 2.00 21.96 24.19
H2' AMP B . 5.20 20.63 23.86
HO2' AMP B . 3.34 19.65 25.34
H1' AMP B . 2.38 19.73 23.15
H8 AMP B . 6.15 19.12 22.36
HN61 AMP B . 5.97 14.15 22.54
HN62 AMP B . 4.66 13.03 22.77
H2 AMP B . 0.88 15.38 23.42
MG MG C . 9.07 20.93 24.29
C1 EDO D . 4.68 0.68 -7.09
O1 EDO D . 6.07 1.01 -7.20
C2 EDO D . 4.02 1.61 -6.07
O2 EDO D . 4.08 2.96 -6.57
H11 EDO D . 4.57 -0.36 -6.77
H12 EDO D . 4.19 0.78 -8.06
HO1 EDO D . 6.27 1.14 -8.13
H21 EDO D . 4.53 1.54 -5.12
H22 EDO D . 2.98 1.31 -5.92
HO2 EDO D . 3.45 3.51 -6.08
C1 EDO E . -3.59 -7.51 -6.23
O1 EDO E . -4.83 -7.84 -5.56
C2 EDO E . -3.15 -6.08 -5.96
O2 EDO E . -2.80 -5.42 -7.19
H11 EDO E . -3.75 -7.63 -7.30
H12 EDO E . -2.81 -8.19 -5.91
HO1 EDO E . -4.72 -8.64 -5.03
H21 EDO E . -2.29 -6.07 -5.30
H22 EDO E . -3.96 -5.55 -5.45
HO2 EDO E . -3.51 -5.50 -7.85
C1 EDO F . 5.32 -1.53 17.20
O1 EDO F . 6.59 -2.20 17.28
C2 EDO F . 4.57 -1.73 18.51
O2 EDO F . 4.30 -3.12 18.71
H11 EDO F . 4.75 -1.96 16.38
H12 EDO F . 5.47 -0.47 17.00
HO1 EDO F . 6.47 -3.14 17.09
H21 EDO F . 3.63 -1.17 18.46
H22 EDO F . 5.15 -1.34 19.34
HO2 EDO F . 4.40 -3.34 19.65
CL CL G . -1.52 26.56 13.44
C ACT H . 18.76 27.05 21.84
O ACT H . 18.73 27.94 22.74
OXT ACT H . 17.75 26.69 21.22
CH3 ACT H . 20.07 26.41 21.49
H1 ACT H . 19.89 25.53 20.95
H2 ACT H . 20.60 26.19 22.37
H3 ACT H . 20.64 27.08 20.89
C ACT I . 3.63 11.54 37.54
O ACT I . 4.78 11.81 37.13
OXT ACT I . 2.64 11.58 36.78
CH3 ACT I . 3.47 11.16 38.98
H1 ACT I . 2.52 11.49 39.32
H2 ACT I . 4.22 11.64 39.56
H3 ACT I . 3.55 10.12 39.08
#